data_6TJM
#
_entry.id   6TJM
#
_cell.length_a   62.841
_cell.length_b   152.310
_cell.length_c   76.792
_cell.angle_alpha   90.000
_cell.angle_beta   90.000
_cell.angle_gamma   90.000
#
_symmetry.space_group_name_H-M   'C 2 2 2'
#
loop_
_entity.id
_entity.type
_entity.pdbx_description
1 polymer '14-3-3 protein sigma'
2 polymer 'C-terminal phosphopeptide of human estrogen receptor alpha'
3 non-polymer 'MAGNESIUM ION'
4 non-polymer '5-[(2~{R})-2-(4-nitrophenyl)-4-oxidanyl-5-oxidanylidene-3-(phenylcarbonyl)-2~{H}-pyrrol-1-yl]-2-oxidanyl-benzoic acid'
5 water water
#
loop_
_entity_poly.entity_id
_entity_poly.type
_entity_poly.pdbx_seq_one_letter_code
_entity_poly.pdbx_strand_id
1 'polypeptide(L)'
;GAMGSMERASLIQKAKLAEQAERYEDMAAFMKGAVEKGEELSCEERNLLSVAYKNVVGGQRAAWRVLSSIEQKSNEEGSE
EKGPEVREYREKVETELQGVCDTVLGLLDSHLIKEAGDAESRVFYLKMKGDYYRYLAEVATGDDKKRIIDSARSAYQEAM
DISKKEMPPTNPIRLGLALNFSVFHYEIANSPEEAISLAKTTFDEAMADLHTLSEDSYKDSTLIMQLLRDNLTLWT
;
A
2 'polypeptide(L)' (ACE)AEGFPA(TPO)V B
#
loop_
_chem_comp.id
_chem_comp.type
_chem_comp.name
_chem_comp.formula
ACE non-polymer 'ACETYL GROUP' 'C2 H4 O'
MG non-polymer 'MAGNESIUM ION' 'Mg 2'
NE5 non-polymer '5-[(2~{R})-2-(4-nitrophenyl)-4-oxidanyl-5-oxidanylidene-3-(phenylcarbonyl)-2~{H}-pyrrol-1-yl]-2-oxidanyl-benzoic acid' 'C24 H16 N2 O8 1'
#
# COMPACT_ATOMS: atom_id res chain seq x y z
N GLY A 1 0.15 -24.73 -7.11
CA GLY A 1 1.17 -23.81 -6.51
C GLY A 1 2.11 -24.55 -5.58
N ALA A 2 3.25 -23.93 -5.27
CA ALA A 2 4.25 -24.58 -4.43
C ALA A 2 3.79 -24.73 -2.98
N MET A 3 2.81 -23.93 -2.56
CA MET A 3 2.24 -23.96 -1.20
C MET A 3 0.97 -24.80 -1.14
N GLY A 4 0.54 -25.37 -2.28
CA GLY A 4 -0.74 -26.06 -2.35
C GLY A 4 -0.86 -27.28 -1.45
N SER A 5 0.26 -27.95 -1.14
CA SER A 5 0.20 -29.14 -0.32
C SER A 5 0.31 -28.83 1.17
N MET A 6 0.47 -27.56 1.54
CA MET A 6 0.66 -27.20 2.94
C MET A 6 -0.65 -26.73 3.54
N GLU A 7 -0.89 -27.16 4.78
CA GLU A 7 -2.04 -26.71 5.55
C GLU A 7 -2.08 -25.19 5.68
N ARG A 8 -3.28 -24.63 5.56
CA ARG A 8 -3.44 -23.18 5.77
C ARG A 8 -2.81 -22.73 7.08
N ALA A 9 -3.11 -23.44 8.17
CA ALA A 9 -2.60 -23.02 9.48
C ALA A 9 -1.07 -23.04 9.54
N SER A 10 -0.45 -24.00 8.85
CA SER A 10 1.00 -24.06 8.79
C SER A 10 1.56 -22.92 7.96
N LEU A 11 0.86 -22.52 6.88
CA LEU A 11 1.29 -21.38 6.10
C LEU A 11 1.28 -20.10 6.94
N ILE A 12 0.23 -19.88 7.74
CA ILE A 12 0.17 -18.70 8.61
C ILE A 12 1.31 -18.73 9.61
N GLN A 13 1.51 -19.89 10.24
CA GLN A 13 2.57 -20.07 11.22
C GLN A 13 3.93 -19.76 10.61
N LYS A 14 4.18 -20.26 9.40
CA LYS A 14 5.46 -20.01 8.76
C LYS A 14 5.61 -18.58 8.30
N ALA A 15 4.51 -17.91 7.93
CA ALA A 15 4.59 -16.48 7.65
C ALA A 15 5.05 -15.70 8.87
N LYS A 16 4.60 -16.10 10.05
CA LYS A 16 5.00 -15.40 11.27
C LYS A 16 6.46 -15.69 11.60
N LEU A 17 6.93 -16.91 11.34
CA LEU A 17 8.35 -17.21 11.51
C LEU A 17 9.20 -16.39 10.55
N ALA A 18 8.77 -16.29 9.29
CA ALA A 18 9.53 -15.52 8.31
C ALA A 18 9.57 -14.04 8.68
N GLU A 19 8.47 -13.52 9.22
CA GLU A 19 8.48 -12.14 9.71
C GLU A 19 9.56 -11.96 10.79
N GLN A 20 9.62 -12.89 11.74
CA GLN A 20 10.59 -12.78 12.81
C GLN A 20 12.02 -12.88 12.29
N ALA A 21 12.21 -13.66 11.22
CA ALA A 21 13.51 -13.79 10.57
C ALA A 21 13.76 -12.69 9.55
N GLU A 22 12.82 -11.75 9.38
CA GLU A 22 12.92 -10.71 8.36
C GLU A 22 13.17 -11.31 6.97
N ARG A 23 12.47 -12.42 6.70
CA ARG A 23 12.52 -13.08 5.39
C ARG A 23 11.21 -12.78 4.67
N TYR A 24 11.13 -11.58 4.11
CA TYR A 24 9.84 -11.07 3.66
C TYR A 24 9.41 -11.66 2.31
N GLU A 25 10.34 -12.08 1.46
CA GLU A 25 9.94 -12.80 0.27
C GLU A 25 9.27 -14.13 0.64
N ASP A 26 9.88 -14.89 1.55
CA ASP A 26 9.27 -16.09 2.07
C ASP A 26 7.90 -15.79 2.68
N MET A 27 7.84 -14.76 3.52
CA MET A 27 6.59 -14.41 4.19
C MET A 27 5.47 -14.14 3.20
N ALA A 28 5.79 -13.40 2.14
CA ALA A 28 4.79 -13.09 1.11
C ALA A 28 4.34 -14.36 0.41
N ALA A 29 5.27 -15.26 0.13
CA ALA A 29 4.92 -16.51 -0.55
C ALA A 29 4.00 -17.36 0.33
N PHE A 30 4.31 -17.47 1.62
CA PHE A 30 3.45 -18.21 2.53
C PHE A 30 2.05 -17.57 2.58
N MET A 31 1.96 -16.23 2.65
CA MET A 31 0.64 -15.60 2.76
C MET A 31 -0.12 -15.67 1.45
N LYS A 32 0.57 -15.59 0.30
CA LYS A 32 -0.11 -15.84 -0.96
C LYS A 32 -0.70 -17.25 -0.98
N GLY A 33 0.05 -18.23 -0.48
CA GLY A 33 -0.47 -19.59 -0.41
C GLY A 33 -1.68 -19.71 0.48
N ALA A 34 -1.66 -19.01 1.63
CA ALA A 34 -2.80 -19.03 2.52
C ALA A 34 -4.01 -18.38 1.88
N VAL A 35 -3.82 -17.23 1.24
CA VAL A 35 -4.93 -16.56 0.56
C VAL A 35 -5.58 -17.52 -0.43
N GLU A 36 -4.77 -18.32 -1.11
CA GLU A 36 -5.25 -19.20 -2.16
C GLU A 36 -5.99 -20.42 -1.62
N LYS A 37 -5.98 -20.63 -0.31
CA LYS A 37 -6.87 -21.66 0.24
C LYS A 37 -8.33 -21.24 0.12
N GLY A 38 -8.61 -19.95 -0.10
CA GLY A 38 -9.94 -19.50 -0.42
C GLY A 38 -10.79 -19.04 0.75
N GLU A 39 -10.26 -19.06 1.96
CA GLU A 39 -10.99 -18.55 3.12
C GLU A 39 -10.64 -17.08 3.33
N GLU A 40 -11.60 -16.31 3.84
CA GLU A 40 -11.33 -14.91 4.14
C GLU A 40 -10.23 -14.81 5.17
N LEU A 41 -9.49 -13.69 5.12
CA LEU A 41 -8.42 -13.44 6.07
C LEU A 41 -8.96 -12.73 7.31
N SER A 42 -8.39 -13.06 8.46
CA SER A 42 -8.66 -12.29 9.66
C SER A 42 -7.91 -10.96 9.58
N CYS A 43 -8.19 -10.08 10.55
CA CYS A 43 -7.45 -8.82 10.61
C CYS A 43 -5.96 -9.07 10.74
N GLU A 44 -5.57 -9.97 11.66
CA GLU A 44 -4.15 -10.27 11.83
C GLU A 44 -3.55 -10.79 10.53
N GLU A 45 -4.28 -11.66 9.82
CA GLU A 45 -3.73 -12.28 8.61
C GLU A 45 -3.60 -11.26 7.48
N ARG A 46 -4.62 -10.43 7.31
CA ARG A 46 -4.58 -9.23 6.47
C ARG A 46 -3.28 -8.46 6.61
N ASN A 47 -2.85 -8.22 7.83
CA ASN A 47 -1.67 -7.42 8.08
C ASN A 47 -0.37 -8.21 8.01
N LEU A 48 -0.44 -9.53 8.06
CA LEU A 48 0.73 -10.32 7.68
C LEU A 48 0.95 -10.23 6.17
N LEU A 49 -0.13 -10.34 5.39
CA LEU A 49 -0.04 -10.21 3.94
C LEU A 49 0.54 -8.86 3.56
N SER A 50 0.00 -7.79 4.13
CA SER A 50 0.37 -6.45 3.68
C SER A 50 1.80 -6.11 4.05
N VAL A 51 2.23 -6.46 5.27
CA VAL A 51 3.59 -6.12 5.68
C VAL A 51 4.60 -6.91 4.84
N ALA A 52 4.27 -8.16 4.53
CA ALA A 52 5.17 -8.96 3.71
C ALA A 52 5.40 -8.32 2.35
N TYR A 53 4.32 -8.03 1.62
CA TYR A 53 4.48 -7.50 0.27
C TYR A 53 4.99 -6.06 0.28
N LYS A 54 4.65 -5.27 1.31
N LYS A 54 4.66 -5.26 1.30
CA LYS A 54 5.17 -3.91 1.39
CA LYS A 54 5.17 -3.90 1.37
C LYS A 54 6.68 -3.92 1.52
C LYS A 54 6.69 -3.91 1.51
N ASN A 55 7.23 -4.86 2.29
CA ASN A 55 8.67 -4.93 2.46
C ASN A 55 9.37 -5.37 1.17
N VAL A 56 8.77 -6.33 0.45
CA VAL A 56 9.35 -6.79 -0.81
C VAL A 56 9.35 -5.65 -1.81
N VAL A 57 8.20 -5.04 -2.06
N VAL A 57 8.19 -5.06 -2.08
CA VAL A 57 8.12 -3.98 -3.06
CA VAL A 57 8.11 -3.97 -3.05
C VAL A 57 8.85 -2.74 -2.57
C VAL A 57 8.92 -2.77 -2.57
N GLY A 58 8.97 -2.55 -1.26
CA GLY A 58 9.67 -1.39 -0.75
C GLY A 58 11.15 -1.44 -1.08
N GLY A 59 11.73 -2.63 -0.95
CA GLY A 59 13.12 -2.81 -1.34
C GLY A 59 13.32 -2.64 -2.84
N GLN A 60 12.37 -3.16 -3.63
CA GLN A 60 12.49 -2.98 -5.08
C GLN A 60 12.37 -1.51 -5.46
N ARG A 61 11.45 -0.79 -4.81
CA ARG A 61 11.29 0.64 -5.10
C ARG A 61 12.56 1.41 -4.76
N ALA A 62 13.17 1.12 -3.61
CA ALA A 62 14.38 1.84 -3.21
C ALA A 62 15.52 1.55 -4.18
N ALA A 63 15.62 0.31 -4.65
CA ALA A 63 16.65 -0.03 -5.64
C ALA A 63 16.38 0.68 -6.97
N TRP A 64 15.12 0.67 -7.41
CA TRP A 64 14.76 1.36 -8.64
C TRP A 64 15.09 2.84 -8.58
N ARG A 65 14.81 3.49 -7.45
N ARG A 65 14.81 3.49 -7.45
CA ARG A 65 15.09 4.91 -7.32
CA ARG A 65 15.10 4.91 -7.32
C ARG A 65 16.59 5.19 -7.39
C ARG A 65 16.59 5.18 -7.42
N VAL A 66 17.41 4.31 -6.82
CA VAL A 66 18.85 4.49 -6.87
C VAL A 66 19.33 4.40 -8.31
N LEU A 67 18.95 3.33 -9.00
CA LEU A 67 19.37 3.14 -10.39
C LEU A 67 18.83 4.24 -11.28
N SER A 68 17.56 4.62 -11.09
N SER A 68 17.56 4.62 -11.09
CA SER A 68 16.96 5.68 -11.90
CA SER A 68 16.98 5.67 -11.93
C SER A 68 17.73 6.98 -11.74
C SER A 68 17.72 7.00 -11.74
N SER A 69 18.18 7.28 -10.52
CA SER A 69 18.96 8.50 -10.29
C SER A 69 20.29 8.42 -11.02
N ILE A 70 21.00 7.30 -10.88
CA ILE A 70 22.24 7.11 -11.63
C ILE A 70 21.98 7.27 -13.12
N GLU A 71 20.88 6.68 -13.61
CA GLU A 71 20.58 6.73 -15.03
C GLU A 71 20.39 8.17 -15.51
N GLN A 72 19.53 8.93 -14.83
CA GLN A 72 19.25 10.28 -15.31
C GLN A 72 20.45 11.21 -15.15
N LYS A 73 21.32 10.95 -14.16
CA LYS A 73 22.56 11.72 -14.09
C LYS A 73 23.50 11.34 -15.23
N SER A 74 23.46 10.08 -15.68
CA SER A 74 24.33 9.64 -16.77
C SER A 74 23.99 10.31 -18.10
N ASN A 75 22.91 11.08 -18.17
CA ASN A 75 22.54 11.74 -19.42
C ASN A 75 22.91 13.21 -19.40
N GLY A 83 27.13 3.66 -22.31
CA GLY A 83 26.90 2.24 -22.27
C GLY A 83 25.50 1.91 -21.79
N PRO A 84 24.95 0.79 -22.26
CA PRO A 84 23.55 0.46 -21.94
C PRO A 84 23.35 -0.17 -20.57
N GLU A 85 24.40 -0.30 -19.76
CA GLU A 85 24.32 -1.18 -18.60
C GLU A 85 23.40 -0.63 -17.51
N VAL A 86 23.45 0.67 -17.24
CA VAL A 86 22.57 1.21 -16.20
C VAL A 86 21.11 1.06 -16.59
N ARG A 87 20.79 1.36 -17.85
CA ARG A 87 19.41 1.20 -18.30
C ARG A 87 18.97 -0.25 -18.23
N GLU A 88 19.82 -1.17 -18.71
CA GLU A 88 19.48 -2.58 -18.66
C GLU A 88 19.17 -3.03 -17.24
N TYR A 89 20.01 -2.66 -16.27
CA TYR A 89 19.81 -3.13 -14.91
C TYR A 89 18.61 -2.45 -14.28
N ARG A 90 18.41 -1.15 -14.53
CA ARG A 90 17.19 -0.50 -14.06
C ARG A 90 15.95 -1.18 -14.61
N GLU A 91 15.98 -1.57 -15.90
CA GLU A 91 14.85 -2.27 -16.50
C GLU A 91 14.65 -3.64 -15.87
N LYS A 92 15.74 -4.32 -15.50
CA LYS A 92 15.62 -5.61 -14.81
C LYS A 92 14.90 -5.45 -13.48
N VAL A 93 15.34 -4.49 -12.67
CA VAL A 93 14.69 -4.25 -11.38
C VAL A 93 13.25 -3.82 -11.58
N GLU A 94 13.01 -2.94 -12.56
CA GLU A 94 11.67 -2.46 -12.85
C GLU A 94 10.73 -3.61 -13.19
N THR A 95 11.22 -4.56 -14.00
CA THR A 95 10.39 -5.69 -14.38
C THR A 95 10.00 -6.53 -13.17
N GLU A 96 10.96 -6.75 -12.24
CA GLU A 96 10.67 -7.52 -11.04
C GLU A 96 9.67 -6.79 -10.17
N LEU A 97 9.82 -5.47 -10.03
CA LEU A 97 8.88 -4.67 -9.24
C LEU A 97 7.48 -4.74 -9.82
N GLN A 98 7.35 -4.59 -11.14
CA GLN A 98 6.05 -4.71 -11.78
C GLN A 98 5.46 -6.11 -11.57
N GLY A 99 6.32 -7.13 -11.58
CA GLY A 99 5.83 -8.48 -11.36
C GLY A 99 5.24 -8.66 -9.97
N VAL A 100 5.88 -8.10 -8.96
CA VAL A 100 5.35 -8.21 -7.61
C VAL A 100 4.03 -7.46 -7.50
N CYS A 101 3.97 -6.23 -8.06
CA CYS A 101 2.73 -5.47 -8.02
C CYS A 101 1.61 -6.19 -8.75
N ASP A 102 1.91 -6.79 -9.90
CA ASP A 102 0.88 -7.54 -10.62
C ASP A 102 0.41 -8.75 -9.82
N THR A 103 1.32 -9.37 -9.07
CA THR A 103 0.95 -10.50 -8.22
C THR A 103 -0.01 -10.06 -7.12
N VAL A 104 0.27 -8.93 -6.48
CA VAL A 104 -0.59 -8.44 -5.41
C VAL A 104 -1.94 -8.03 -5.97
N LEU A 105 -1.95 -7.29 -7.08
CA LEU A 105 -3.21 -6.85 -7.65
C LEU A 105 -4.08 -8.02 -8.11
N GLY A 106 -3.45 -9.09 -8.59
CA GLY A 106 -4.23 -10.26 -9.00
C GLY A 106 -4.83 -10.98 -7.82
N LEU A 107 -4.10 -11.08 -6.71
CA LEU A 107 -4.64 -11.66 -5.49
C LEU A 107 -5.81 -10.83 -4.97
N LEU A 108 -5.68 -9.50 -5.00
CA LEU A 108 -6.77 -8.64 -4.57
C LEU A 108 -8.02 -8.87 -5.41
N ASP A 109 -7.86 -8.85 -6.74
CA ASP A 109 -9.02 -9.01 -7.61
C ASP A 109 -9.56 -10.43 -7.57
N SER A 110 -8.68 -11.43 -7.54
CA SER A 110 -9.14 -12.81 -7.65
C SER A 110 -9.66 -13.38 -6.34
N HIS A 111 -9.23 -12.87 -5.20
CA HIS A 111 -9.54 -13.55 -3.95
C HIS A 111 -10.06 -12.64 -2.85
N LEU A 112 -9.52 -11.44 -2.70
CA LEU A 112 -9.68 -10.69 -1.47
C LEU A 112 -10.76 -9.60 -1.54
N ILE A 113 -10.78 -8.84 -2.62
CA ILE A 113 -11.79 -7.78 -2.72
C ILE A 113 -13.16 -8.40 -2.96
N LYS A 114 -14.13 -8.02 -2.13
CA LYS A 114 -15.46 -8.60 -2.25
C LYS A 114 -16.54 -7.61 -1.85
N GLU A 115 -17.75 -7.91 -2.31
CA GLU A 115 -18.96 -7.13 -2.05
C GLU A 115 -19.58 -7.53 -0.73
N ALA A 116 -18.75 -7.63 0.32
CA ALA A 116 -19.15 -8.29 1.53
C ALA A 116 -17.98 -8.39 2.50
N GLY A 117 -18.27 -8.47 3.79
CA GLY A 117 -17.27 -8.37 4.82
C GLY A 117 -17.32 -7.01 5.52
N ASP A 118 -16.50 -6.91 6.56
CA ASP A 118 -16.34 -5.64 7.25
C ASP A 118 -16.28 -4.50 6.24
N ALA A 119 -16.81 -3.34 6.60
CA ALA A 119 -16.36 -2.12 5.94
C ALA A 119 -14.84 -2.03 6.04
N GLU A 120 -14.30 -2.34 7.22
N GLU A 120 -14.30 -2.35 7.22
CA GLU A 120 -12.85 -2.33 7.42
CA GLU A 120 -12.86 -2.33 7.42
C GLU A 120 -12.15 -3.21 6.39
C GLU A 120 -12.13 -3.21 6.43
N SER A 121 -12.69 -4.40 6.14
CA SER A 121 -12.04 -5.32 5.21
C SER A 121 -11.98 -4.75 3.79
N ARG A 122 -13.11 -4.24 3.29
CA ARG A 122 -13.14 -3.73 1.93
C ARG A 122 -12.25 -2.50 1.78
N VAL A 123 -12.27 -1.59 2.76
CA VAL A 123 -11.37 -0.44 2.74
C VAL A 123 -9.91 -0.91 2.73
N PHE A 124 -9.59 -1.89 3.57
CA PHE A 124 -8.21 -2.36 3.66
C PHE A 124 -7.69 -2.81 2.30
N TYR A 125 -8.44 -3.69 1.62
CA TYR A 125 -7.96 -4.23 0.35
C TYR A 125 -8.03 -3.19 -0.77
N LEU A 126 -9.03 -2.31 -0.74
CA LEU A 126 -9.09 -1.25 -1.74
C LEU A 126 -7.94 -0.26 -1.58
N LYS A 127 -7.53 0.02 -0.35
CA LYS A 127 -6.33 0.82 -0.14
C LYS A 127 -5.10 0.12 -0.73
N MET A 128 -4.98 -1.19 -0.51
CA MET A 128 -3.87 -1.93 -1.11
C MET A 128 -3.88 -1.80 -2.62
N LYS A 129 -5.07 -1.90 -3.24
CA LYS A 129 -5.16 -1.80 -4.68
C LYS A 129 -4.70 -0.43 -5.18
N GLY A 130 -5.15 0.64 -4.52
CA GLY A 130 -4.65 1.96 -4.87
C GLY A 130 -3.14 2.05 -4.72
N ASP A 131 -2.61 1.50 -3.62
CA ASP A 131 -1.18 1.61 -3.36
C ASP A 131 -0.36 0.91 -4.44
N TYR A 132 -0.75 -0.31 -4.81
CA TYR A 132 0.09 -1.05 -5.74
C TYR A 132 -0.09 -0.56 -7.17
N TYR A 133 -1.24 0.03 -7.49
CA TYR A 133 -1.33 0.78 -8.74
C TYR A 133 -0.46 2.03 -8.69
N ARG A 134 -0.33 2.65 -7.52
CA ARG A 134 0.57 3.81 -7.41
C ARG A 134 2.02 3.41 -7.63
N TYR A 135 2.43 2.25 -7.10
CA TYR A 135 3.82 1.82 -7.30
C TYR A 135 4.06 1.49 -8.77
N LEU A 136 3.08 0.89 -9.45
CA LEU A 136 3.20 0.74 -10.89
C LEU A 136 3.29 2.09 -11.59
N ALA A 137 2.57 3.09 -11.09
CA ALA A 137 2.57 4.41 -11.72
C ALA A 137 3.93 5.11 -11.58
N GLU A 138 4.65 4.82 -10.50
CA GLU A 138 5.93 5.49 -10.26
C GLU A 138 6.94 5.14 -11.34
N VAL A 139 6.81 3.97 -11.96
CA VAL A 139 7.75 3.53 -12.99
C VAL A 139 7.13 3.51 -14.38
N ALA A 140 5.85 3.85 -14.52
CA ALA A 140 5.18 3.75 -15.80
C ALA A 140 5.53 4.96 -16.68
N THR A 141 5.34 4.79 -17.99
CA THR A 141 5.56 5.87 -18.94
C THR A 141 4.38 6.00 -19.90
N GLY A 142 4.14 7.24 -20.33
CA GLY A 142 3.36 7.48 -21.53
C GLY A 142 1.94 6.92 -21.49
N ASP A 143 1.57 6.25 -22.58
CA ASP A 143 0.20 5.78 -22.75
C ASP A 143 -0.31 5.07 -21.50
N ASP A 144 0.55 4.26 -20.87
CA ASP A 144 0.08 3.42 -19.78
C ASP A 144 0.05 4.14 -18.44
N LYS A 145 0.96 5.10 -18.21
CA LYS A 145 0.99 5.78 -16.93
C LYS A 145 -0.40 6.30 -16.55
N LYS A 146 -0.95 7.22 -17.36
CA LYS A 146 -2.19 7.87 -16.98
C LYS A 146 -3.36 6.90 -16.84
N ARG A 147 -3.26 5.69 -17.39
CA ARG A 147 -4.30 4.70 -17.13
C ARG A 147 -4.13 4.08 -15.75
N ILE A 148 -2.90 3.71 -15.40
CA ILE A 148 -2.63 3.19 -14.06
C ILE A 148 -3.04 4.21 -13.01
N ILE A 149 -2.82 5.50 -13.31
CA ILE A 149 -3.22 6.57 -12.41
C ILE A 149 -4.72 6.52 -12.15
N ASP A 150 -5.51 6.41 -13.22
CA ASP A 150 -6.96 6.36 -13.04
C ASP A 150 -7.37 5.16 -12.19
N SER A 151 -6.72 4.01 -12.40
CA SER A 151 -7.05 2.82 -11.62
C SER A 151 -6.75 3.03 -10.14
N ALA A 152 -5.58 3.60 -9.83
CA ALA A 152 -5.25 3.92 -8.46
C ALA A 152 -6.26 4.89 -7.86
N ARG A 153 -6.60 5.94 -8.61
CA ARG A 153 -7.51 6.95 -8.08
C ARG A 153 -8.87 6.34 -7.73
N SER A 154 -9.41 5.51 -8.63
CA SER A 154 -10.75 4.96 -8.41
C SER A 154 -10.76 4.01 -7.22
N ALA A 155 -9.66 3.31 -6.97
CA ALA A 155 -9.61 2.44 -5.80
C ALA A 155 -9.44 3.25 -4.51
N TYR A 156 -8.56 4.25 -4.51
CA TYR A 156 -8.48 5.13 -3.35
C TYR A 156 -9.83 5.79 -3.08
N GLN A 157 -10.53 6.23 -4.13
CA GLN A 157 -11.77 6.99 -3.92
C GLN A 157 -12.89 6.10 -3.41
N GLU A 158 -13.02 4.88 -3.94
CA GLU A 158 -14.00 3.96 -3.38
C GLU A 158 -13.71 3.71 -1.91
N ALA A 159 -12.43 3.50 -1.57
CA ALA A 159 -12.06 3.27 -0.18
C ALA A 159 -12.40 4.47 0.68
N MET A 160 -12.17 5.68 0.17
N MET A 160 -12.18 5.68 0.17
CA MET A 160 -12.51 6.88 0.94
CA MET A 160 -12.51 6.87 0.97
C MET A 160 -14.01 6.97 1.17
C MET A 160 -14.02 6.96 1.18
N ASP A 161 -14.80 6.73 0.13
CA ASP A 161 -16.25 6.80 0.27
C ASP A 161 -16.74 5.87 1.39
N ILE A 162 -16.24 4.64 1.41
CA ILE A 162 -16.66 3.69 2.44
C ILE A 162 -16.18 4.15 3.82
N SER A 163 -14.89 4.51 3.93
CA SER A 163 -14.34 4.84 5.24
C SER A 163 -15.05 6.05 5.85
N LYS A 164 -15.43 7.02 5.02
CA LYS A 164 -16.10 8.22 5.53
C LYS A 164 -17.48 7.93 6.09
N LYS A 165 -18.11 6.85 5.65
CA LYS A 165 -19.47 6.52 6.08
C LYS A 165 -19.49 5.49 7.19
N GLU A 166 -18.48 4.61 7.26
CA GLU A 166 -18.53 3.42 8.09
C GLU A 166 -17.49 3.36 9.19
N MET A 167 -16.54 4.29 9.22
CA MET A 167 -15.43 4.27 10.16
C MET A 167 -15.28 5.61 10.84
N PRO A 168 -14.87 5.64 12.10
CA PRO A 168 -14.62 6.93 12.77
C PRO A 168 -13.42 7.61 12.17
N PRO A 169 -13.32 8.94 12.31
CA PRO A 169 -12.22 9.67 11.68
C PRO A 169 -10.84 9.38 12.28
N THR A 170 -10.76 8.69 13.42
CA THR A 170 -9.48 8.30 13.99
C THR A 170 -9.08 6.88 13.63
N ASN A 171 -9.90 6.16 12.88
CA ASN A 171 -9.58 4.76 12.59
C ASN A 171 -8.26 4.70 11.83
N PRO A 172 -7.30 3.86 12.26
CA PRO A 172 -5.99 3.89 11.59
C PRO A 172 -6.05 3.58 10.11
N ILE A 173 -6.92 2.67 9.68
CA ILE A 173 -7.02 2.37 8.26
C ILE A 173 -7.56 3.58 7.50
N ARG A 174 -8.60 4.23 8.03
CA ARG A 174 -9.11 5.43 7.38
C ARG A 174 -8.02 6.49 7.29
N LEU A 175 -7.27 6.68 8.37
CA LEU A 175 -6.20 7.69 8.38
C LEU A 175 -5.08 7.32 7.41
N GLY A 176 -4.64 6.06 7.44
CA GLY A 176 -3.58 5.64 6.54
C GLY A 176 -3.97 5.74 5.08
N LEU A 177 -5.22 5.37 4.79
CA LEU A 177 -5.73 5.54 3.43
C LEU A 177 -5.61 7.00 2.99
N ALA A 178 -6.06 7.93 3.84
CA ALA A 178 -6.06 9.33 3.46
C ALA A 178 -4.63 9.87 3.35
N LEU A 179 -3.75 9.45 4.26
CA LEU A 179 -2.33 9.79 4.14
C LEU A 179 -1.80 9.39 2.77
N ASN A 180 -2.06 8.16 2.37
CA ASN A 180 -1.52 7.63 1.13
C ASN A 180 -2.20 8.26 -0.08
N PHE A 181 -3.52 8.38 -0.05
CA PHE A 181 -4.23 9.09 -1.12
C PHE A 181 -3.70 10.52 -1.26
N SER A 182 -3.41 11.17 -0.12
CA SER A 182 -2.85 12.52 -0.18
C SER A 182 -1.48 12.52 -0.85
N VAL A 183 -0.68 11.49 -0.60
CA VAL A 183 0.62 11.41 -1.27
C VAL A 183 0.43 11.14 -2.76
N PHE A 184 -0.53 10.28 -3.11
CA PHE A 184 -0.86 10.04 -4.51
C PHE A 184 -1.15 11.36 -5.23
N HIS A 185 -2.02 12.19 -4.65
CA HIS A 185 -2.33 13.48 -5.25
C HIS A 185 -1.07 14.28 -5.51
N TYR A 186 -0.16 14.30 -4.54
CA TYR A 186 1.01 15.17 -4.63
C TYR A 186 2.04 14.61 -5.60
N GLU A 187 2.42 13.34 -5.44
CA GLU A 187 3.55 12.78 -6.16
C GLU A 187 3.18 12.19 -7.51
N ILE A 188 1.93 11.75 -7.68
CA ILE A 188 1.51 11.03 -8.87
C ILE A 188 0.62 11.88 -9.77
N ALA A 189 -0.33 12.60 -9.18
CA ALA A 189 -1.33 13.35 -9.93
C ALA A 189 -1.00 14.83 -10.07
N ASN A 190 0.16 15.26 -9.58
CA ASN A 190 0.60 16.65 -9.67
C ASN A 190 -0.50 17.62 -9.20
N SER A 191 -1.11 17.29 -8.07
CA SER A 191 -2.14 18.14 -7.45
C SER A 191 -1.75 18.39 -6.00
N PRO A 192 -0.69 19.16 -5.77
CA PRO A 192 -0.27 19.42 -4.38
C PRO A 192 -1.35 20.08 -3.53
N GLU A 193 -2.32 20.79 -4.13
CA GLU A 193 -3.34 21.45 -3.32
C GLU A 193 -4.40 20.46 -2.85
N GLU A 194 -4.75 19.49 -3.70
CA GLU A 194 -5.61 18.39 -3.23
C GLU A 194 -4.89 17.58 -2.16
N ALA A 195 -3.59 17.33 -2.34
CA ALA A 195 -2.81 16.62 -1.33
C ALA A 195 -2.86 17.35 0.01
N ILE A 196 -2.60 18.66 -0.01
CA ILE A 196 -2.58 19.43 1.23
C ILE A 196 -3.96 19.51 1.84
N SER A 197 -4.99 19.77 1.02
CA SER A 197 -6.34 19.89 1.57
C SER A 197 -6.79 18.59 2.22
N LEU A 198 -6.48 17.44 1.61
CA LEU A 198 -6.90 16.17 2.19
C LEU A 198 -6.16 15.88 3.48
N ALA A 199 -4.84 16.12 3.50
CA ALA A 199 -4.08 15.85 4.72
C ALA A 199 -4.57 16.72 5.88
N LYS A 200 -4.83 18.00 5.62
CA LYS A 200 -5.30 18.90 6.67
C LYS A 200 -6.70 18.52 7.13
N THR A 201 -7.61 18.29 6.18
CA THR A 201 -8.96 17.87 6.54
C THR A 201 -8.92 16.60 7.38
N THR A 202 -8.14 15.61 6.94
CA THR A 202 -8.05 14.35 7.68
C THR A 202 -7.53 14.58 9.09
N PHE A 203 -6.44 15.34 9.22
CA PHE A 203 -5.91 15.63 10.54
C PHE A 203 -6.94 16.37 11.39
N ASP A 204 -7.52 17.43 10.84
CA ASP A 204 -8.45 18.26 11.61
C ASP A 204 -9.67 17.47 12.05
N GLU A 205 -10.20 16.63 11.18
CA GLU A 205 -11.38 15.84 11.53
C GLU A 205 -11.03 14.76 12.55
N ALA A 206 -9.79 14.25 12.53
CA ALA A 206 -9.35 13.36 13.58
C ALA A 206 -9.28 14.08 14.93
N MET A 207 -8.70 15.28 14.97
CA MET A 207 -8.66 16.04 16.21
C MET A 207 -10.06 16.34 16.73
N ALA A 208 -10.95 16.79 15.85
CA ALA A 208 -12.28 17.19 16.29
C ALA A 208 -13.04 16.02 16.91
N ASP A 209 -12.79 14.81 16.45
CA ASP A 209 -13.42 13.62 17.00
C ASP A 209 -12.38 12.72 17.67
N LEU A 210 -11.44 13.35 18.38
CA LEU A 210 -10.36 12.58 19.03
C LEU A 210 -10.90 11.65 20.08
N HIS A 211 -12.09 11.95 20.61
CA HIS A 211 -12.72 11.06 21.58
C HIS A 211 -13.05 9.69 21.01
N THR A 212 -12.93 9.49 19.69
CA THR A 212 -13.24 8.20 19.10
C THR A 212 -12.04 7.26 19.04
N LEU A 213 -10.88 7.68 19.54
CA LEU A 213 -9.73 6.79 19.57
C LEU A 213 -10.11 5.50 20.28
N SER A 214 -9.58 4.37 19.78
CA SER A 214 -9.88 3.06 20.33
C SER A 214 -8.71 2.60 21.18
N GLU A 215 -9.02 1.98 22.32
CA GLU A 215 -7.97 1.51 23.20
C GLU A 215 -7.10 0.44 22.56
N ASP A 216 -7.60 -0.22 21.50
CA ASP A 216 -6.81 -1.23 20.82
C ASP A 216 -5.85 -0.66 19.79
N SER A 217 -6.10 0.57 19.31
CA SER A 217 -5.35 1.06 18.15
C SER A 217 -4.93 2.52 18.27
N TYR A 218 -5.12 3.15 19.42
CA TYR A 218 -4.88 4.59 19.51
C TYR A 218 -3.43 4.94 19.21
N LYS A 219 -2.48 4.06 19.54
CA LYS A 219 -1.09 4.35 19.21
C LYS A 219 -0.90 4.41 17.69
N ASP A 220 -1.56 3.51 16.95
CA ASP A 220 -1.50 3.58 15.49
C ASP A 220 -2.13 4.87 14.98
N SER A 221 -3.28 5.24 15.54
CA SER A 221 -3.98 6.45 15.11
C SER A 221 -3.09 7.68 15.29
N THR A 222 -2.52 7.85 16.49
CA THR A 222 -1.74 9.05 16.77
C THR A 222 -0.44 9.06 15.97
N LEU A 223 0.12 7.88 15.70
CA LEU A 223 1.30 7.81 14.85
C LEU A 223 0.99 8.37 13.46
N ILE A 224 -0.11 7.90 12.85
CA ILE A 224 -0.44 8.34 11.50
C ILE A 224 -0.88 9.80 11.52
N MET A 225 -1.45 10.28 12.64
CA MET A 225 -1.79 11.69 12.71
C MET A 225 -0.55 12.54 12.63
N GLN A 226 0.55 12.08 13.24
CA GLN A 226 1.80 12.83 13.14
C GLN A 226 2.36 12.76 11.73
N LEU A 227 2.21 11.62 11.05
CA LEU A 227 2.67 11.50 9.68
C LEU A 227 1.94 12.48 8.76
N LEU A 228 0.65 12.68 9.00
CA LEU A 228 -0.09 13.71 8.26
C LEU A 228 0.52 15.09 8.50
N ARG A 229 0.78 15.41 9.77
CA ARG A 229 1.43 16.68 10.09
C ARG A 229 2.81 16.77 9.46
N ASP A 230 3.56 15.67 9.47
CA ASP A 230 4.89 15.68 8.86
C ASP A 230 4.81 16.07 7.38
N ASN A 231 3.91 15.42 6.63
CA ASN A 231 3.79 15.70 5.21
C ASN A 231 3.36 17.15 4.97
N LEU A 232 2.42 17.63 5.78
CA LEU A 232 2.00 19.03 5.66
C LEU A 232 3.15 19.99 5.93
N THR A 233 4.02 19.66 6.89
CA THR A 233 5.21 20.48 7.12
C THR A 233 6.10 20.44 5.88
N LEU A 234 6.36 19.24 5.37
CA LEU A 234 7.19 19.09 4.16
C LEU A 234 6.61 19.87 2.99
N TRP A 235 5.29 19.99 2.90
CA TRP A 235 4.65 20.53 1.71
C TRP A 235 4.31 22.00 1.82
N THR A 236 4.47 22.62 2.98
CA THR A 236 4.12 24.03 3.14
C THR A 236 5.35 24.88 3.44
N PHE B 5 11.35 11.68 0.83
CA PHE B 5 10.04 11.31 0.30
C PHE B 5 8.95 11.55 1.35
N PRO B 6 7.71 11.78 0.92
CA PRO B 6 6.61 11.93 1.86
C PRO B 6 6.29 10.59 2.51
N ALA B 7 5.65 10.65 3.67
CA ALA B 7 5.36 9.44 4.43
C ALA B 7 4.11 8.72 3.91
N TPO B 8 4.18 7.40 3.77
CA TPO B 8 3.02 6.58 3.47
CB TPO B 8 3.03 6.10 2.01
CG2 TPO B 8 2.86 7.31 1.11
OG1 TPO B 8 4.30 5.49 1.87
P TPO B 8 4.48 4.58 0.56
O1P TPO B 8 3.20 3.66 0.25
O2P TPO B 8 5.76 3.65 0.83
O3P TPO B 8 4.76 5.46 -0.60
C TPO B 8 3.05 5.40 4.45
O TPO B 8 4.09 5.13 5.09
HA TPO B 8 2.17 7.07 3.55
HB TPO B 8 2.23 5.41 1.74
HG21 TPO B 8 2.88 6.99 0.06
HG22 TPO B 8 3.69 8.01 1.27
HG23 TPO B 8 1.92 7.80 1.33
N VAL B 9 1.93 4.70 4.59
CA VAL B 9 1.91 3.49 5.41
C VAL B 9 1.29 2.32 4.63
MG MG C . 1.66 -4.18 10.49
C10 NE5 D . -0.80 -3.39 12.22
C13 NE5 D . 0.83 -1.46 11.42
C15 NE5 D . 0.98 0.05 11.35
C17 NE5 D . 1.70 1.98 10.15
C20 NE5 D . 0.52 0.84 12.39
C21 NE5 D . -1.88 -1.17 11.83
C22 NE5 D . -2.15 -0.51 10.49
C24 NE5 D . -2.32 -0.80 8.13
C02 NE5 D . -7.19 -3.41 10.20
C04 NE5 D . -6.36 -2.62 11.19
C05 NE5 D . -5.01 -2.78 11.23
C06 NE5 D . -4.29 -2.06 12.15
C08 NE5 D . -2.21 -3.47 12.32
C12 NE5 D . -0.53 -2.02 11.74
C16 NE5 D . 1.57 0.61 10.24
C18 NE5 D . 1.24 2.78 11.19
C19 NE5 D . 0.64 2.22 12.31
C23 NE5 D . -2.08 -1.33 9.38
C25 NE5 D . -2.65 0.54 8.01
C29 NE5 D . -2.73 1.36 9.13
C30 NE5 D . -2.49 0.83 10.38
C31 NE5 D . -4.89 -1.15 13.01
C32 NE5 D . -6.25 -0.97 12.95
C33 NE5 D . -6.97 -1.72 12.03
N07 NE5 D . -2.89 -2.27 12.15
N26 NE5 D . -2.90 1.10 6.69
O01 NE5 D . -8.45 -3.31 10.27
O03 NE5 D . -6.65 -4.14 9.33
O09 NE5 D . -2.77 -4.48 12.55
O11 NE5 D . 0.07 -4.48 12.03
O14 NE5 D . 1.75 -2.19 11.21
O27 NE5 D . -3.28 2.21 6.59
O28 NE5 D . -2.71 0.44 5.74
O34 NE5 D . -8.35 -1.58 11.94
H171 NE5 D . 2.10 2.37 9.42
H201 NE5 D . 0.12 0.45 13.13
H211 NE5 D . -1.81 -0.52 12.51
H241 NE5 D . -2.26 -1.35 7.37
H051 NE5 D . -4.59 -3.37 10.66
H161 NE5 D . 1.87 0.07 9.54
H181 NE5 D . 1.33 3.71 11.14
H191 NE5 D . 0.34 2.76 13.00
H231 NE5 D . -1.87 -2.23 9.48
H291 NE5 D . -2.95 2.26 9.03
H301 NE5 D . -2.57 1.36 11.14
H311 NE5 D . -4.38 -0.67 13.61
H321 NE5 D . -6.68 -0.38 13.52
H111 NE5 D . 0.51 -4.60 12.73
H341 NE5 D . -8.52 -1.25 11.17
#